data_4K80
#
_entry.id   4K80
#
_cell.length_a   74.433
_cell.length_b   74.433
_cell.length_c   105.402
_cell.angle_alpha   90.000
_cell.angle_beta   90.000
_cell.angle_gamma   90.000
#
_symmetry.space_group_name_H-M   'P 41 21 2'
#
loop_
_entity.id
_entity.type
_entity.pdbx_description
1 polymer 'Glycolipid transfer protein domain-containing protein 1'
2 non-polymer '(2S,3R,4E)-2-(acetylamino)-3-hydroxyoctadec-4-en-1-yl dihydrogen phosphate'
3 water water
#
_entity_poly.entity_id   1
_entity_poly.type   'polypeptide(L)'
_entity_poly.pdbx_seq_one_letter_code
;SMDDSETGFNLKVVLVSFKQCLDEKEEVLLDPYIASWKGLVRFLNSLGTIFSFISKDVVSKLRIMERLRGGPQSEHYRSL
QAMVAHELSNRLVDLERRSHHPESGCRTVLRLHRALHWLQLFLEGLRTSPEDARTSALCADSYNASLAAYHPWVVRRAVT
VAFCTLPTREVFLEAMNVGPPEQAVQMLGEALPFIQRVYNVSQKLYAEHSLLDLP
;
_entity_poly.pdbx_strand_id   A
#
loop_
_chem_comp.id
_chem_comp.type
_chem_comp.name
_chem_comp.formula
1PW non-polymer '(2S,3R,4E)-2-(acetylamino)-3-hydroxyoctadec-4-en-1-yl dihydrogen phosphate' 'C20 H40 N O6 P'
#
# COMPACT_ATOMS: atom_id res chain seq x y z
N THR A 7 -9.49 19.81 9.41
CA THR A 7 -9.74 19.77 7.97
C THR A 7 -8.65 18.99 7.25
N GLY A 8 -9.06 18.17 6.28
CA GLY A 8 -8.13 17.45 5.43
C GLY A 8 -7.36 16.33 6.11
N PHE A 9 -6.17 16.03 5.60
CA PHE A 9 -5.34 14.98 6.16
C PHE A 9 -3.85 15.31 6.06
N ASN A 10 -3.11 15.01 7.12
CA ASN A 10 -1.67 15.28 7.12
C ASN A 10 -0.89 14.20 6.38
N LEU A 11 -1.02 14.23 5.06
CA LEU A 11 -0.47 13.19 4.21
C LEU A 11 1.06 13.19 4.18
N LYS A 12 1.67 14.37 4.25
CA LYS A 12 3.14 14.45 4.17
C LYS A 12 3.83 13.58 5.22
N VAL A 13 3.36 13.64 6.45
CA VAL A 13 3.94 12.83 7.54
C VAL A 13 3.92 11.34 7.17
N VAL A 14 2.78 10.87 6.67
CA VAL A 14 2.62 9.46 6.27
C VAL A 14 3.54 9.07 5.12
N LEU A 15 3.61 9.89 4.07
CA LEU A 15 4.44 9.54 2.92
C LEU A 15 5.92 9.51 3.30
N VAL A 16 6.34 10.47 4.12
CA VAL A 16 7.74 10.54 4.53
C VAL A 16 8.10 9.42 5.51
N SER A 17 7.11 8.90 6.23
CA SER A 17 7.38 7.82 7.18
C SER A 17 7.93 6.56 6.49
N PHE A 18 7.64 6.39 5.20
CA PHE A 18 8.16 5.24 4.44
C PHE A 18 9.69 5.21 4.40
N LYS A 19 10.31 6.35 4.68
CA LYS A 19 11.76 6.41 4.84
C LYS A 19 12.24 5.41 5.89
N GLN A 20 11.49 5.30 6.98
CA GLN A 20 11.88 4.43 8.08
C GLN A 20 11.76 2.94 7.73
N CYS A 21 11.14 2.63 6.60
CA CYS A 21 10.91 1.23 6.24
C CYS A 21 12.15 0.49 5.73
N LEU A 22 13.17 1.23 5.29
CA LEU A 22 14.38 0.62 4.74
C LEU A 22 15.59 0.97 5.58
N ASP A 23 16.34 -0.03 6.04
CA ASP A 23 17.55 0.25 6.80
C ASP A 23 18.77 0.38 5.91
N GLU A 24 19.96 0.42 6.50
CA GLU A 24 21.21 0.58 5.75
C GLU A 24 21.45 -0.59 4.82
N LYS A 25 20.94 -1.76 5.17
CA LYS A 25 21.10 -2.95 4.34
C LYS A 25 19.98 -3.07 3.31
N GLU A 26 19.10 -2.07 3.29
CA GLU A 26 17.92 -2.09 2.44
C GLU A 26 17.06 -3.32 2.71
N GLU A 27 16.94 -3.70 3.97
CA GLU A 27 15.91 -4.62 4.35
C GLU A 27 14.64 -3.82 4.65
N VAL A 28 13.49 -4.36 4.27
CA VAL A 28 12.23 -3.71 4.57
C VAL A 28 11.79 -4.14 5.96
N LEU A 29 11.82 -3.20 6.90
CA LEU A 29 11.50 -3.52 8.28
C LEU A 29 9.99 -3.55 8.47
N LEU A 30 9.49 -4.62 9.11
CA LEU A 30 8.05 -4.83 9.18
C LEU A 30 7.32 -3.87 10.11
N ASP A 31 7.96 -3.50 11.23
CA ASP A 31 7.30 -2.58 12.18
C ASP A 31 6.98 -1.23 11.52
N PRO A 32 7.98 -0.58 10.91
CA PRO A 32 7.71 0.68 10.23
C PRO A 32 6.78 0.50 9.03
N TYR A 33 6.87 -0.66 8.38
CA TYR A 33 6.00 -0.91 7.22
C TYR A 33 4.54 -0.91 7.65
N ILE A 34 4.24 -1.65 8.71
CA ILE A 34 2.92 -1.65 9.31
C ILE A 34 2.48 -0.24 9.78
N ALA A 35 3.40 0.49 10.41
CA ALA A 35 3.12 1.85 10.87
C ALA A 35 2.78 2.78 9.71
N SER A 36 3.55 2.69 8.64
CA SER A 36 3.29 3.52 7.47
C SER A 36 1.93 3.21 6.86
N TRP A 37 1.61 1.91 6.78
CA TRP A 37 0.33 1.45 6.23
C TRP A 37 -0.85 1.89 7.09
N LYS A 38 -0.68 1.92 8.40
CA LYS A 38 -1.72 2.42 9.30
C LYS A 38 -1.98 3.90 8.99
N GLY A 39 -0.90 4.63 8.70
CA GLY A 39 -1.05 6.02 8.26
C GLY A 39 -1.85 6.11 6.97
N LEU A 40 -1.61 5.17 6.04
CA LEU A 40 -2.33 5.18 4.76
C LEU A 40 -3.80 4.84 4.95
N VAL A 41 -4.09 3.96 5.90
CA VAL A 41 -5.45 3.65 6.26
C VAL A 41 -6.16 4.89 6.84
N ARG A 42 -5.47 5.68 7.65
CA ARG A 42 -6.08 6.91 8.17
C ARG A 42 -6.30 7.89 7.03
N PHE A 43 -5.38 7.90 6.07
CA PHE A 43 -5.55 8.74 4.88
C PHE A 43 -6.82 8.31 4.13
N LEU A 44 -6.93 7.01 3.87
CA LEU A 44 -8.12 6.48 3.20
C LEU A 44 -9.40 6.81 3.97
N ASN A 45 -9.39 6.64 5.30
CA ASN A 45 -10.55 7.01 6.10
C ASN A 45 -10.98 8.46 5.87
N SER A 46 -10.01 9.35 5.69
CA SER A 46 -10.32 10.76 5.54
C SER A 46 -10.98 11.03 4.19
N LEU A 47 -10.87 10.08 3.27
CA LEU A 47 -11.47 10.27 1.96
C LEU A 47 -12.97 9.95 1.94
N GLY A 48 -13.47 9.32 2.99
CA GLY A 48 -14.88 9.01 3.10
C GLY A 48 -15.19 7.54 3.38
N THR A 49 -16.46 7.27 3.70
CA THR A 49 -16.87 5.95 4.15
C THR A 49 -16.63 4.86 3.10
N ILE A 50 -16.77 5.20 1.82
CA ILE A 50 -16.55 4.17 0.79
C ILE A 50 -15.08 3.72 0.76
N PHE A 51 -14.15 4.62 1.04
CA PHE A 51 -12.73 4.26 1.08
C PHE A 51 -12.38 3.45 2.34
N SER A 52 -13.07 3.73 3.44
CA SER A 52 -12.93 2.91 4.64
C SER A 52 -13.45 1.53 4.32
N PHE A 53 -14.60 1.47 3.67
CA PHE A 53 -15.19 0.19 3.30
C PHE A 53 -14.24 -0.65 2.44
N ILE A 54 -13.71 -0.09 1.34
CA ILE A 54 -12.93 -0.93 0.44
C ILE A 54 -11.56 -1.30 1.02
N SER A 55 -11.12 -0.57 2.04
CA SER A 55 -9.84 -0.83 2.66
C SER A 55 -9.90 -1.74 3.90
N LYS A 56 -11.08 -2.26 4.22
CA LYS A 56 -11.20 -3.22 5.31
C LYS A 56 -10.25 -4.40 5.13
N ASP A 57 -10.02 -4.78 3.88
CA ASP A 57 -9.10 -5.88 3.56
C ASP A 57 -7.71 -5.58 4.07
N VAL A 58 -7.28 -4.33 3.89
CA VAL A 58 -5.96 -3.87 4.30
C VAL A 58 -5.82 -3.84 5.83
N VAL A 59 -6.85 -3.37 6.52
CA VAL A 59 -6.84 -3.41 7.97
C VAL A 59 -6.70 -4.86 8.47
N SER A 60 -7.45 -5.77 7.86
CA SER A 60 -7.40 -7.18 8.25
C SER A 60 -6.00 -7.78 8.07
N LYS A 61 -5.35 -7.42 6.97
CA LYS A 61 -4.02 -7.96 6.67
C LYS A 61 -2.94 -7.34 7.58
N LEU A 62 -3.10 -6.08 7.94
CA LEU A 62 -2.21 -5.46 8.91
C LEU A 62 -2.31 -6.17 10.27
N ARG A 63 -3.53 -6.52 10.69
CA ARG A 63 -3.74 -7.25 11.94
CA ARG A 63 -3.71 -7.23 11.95
C ARG A 63 -3.05 -8.61 11.91
N ILE A 64 -3.13 -9.26 10.75
CA ILE A 64 -2.48 -10.55 10.58
C ILE A 64 -0.98 -10.40 10.79
N MET A 65 -0.42 -9.31 10.27
CA MET A 65 1.02 -9.09 10.35
C MET A 65 1.44 -8.69 11.76
N GLU A 66 0.57 -7.93 12.44
CA GLU A 66 0.81 -7.59 13.85
C GLU A 66 0.81 -8.85 14.75
N ARG A 67 -0.09 -9.77 14.48
CA ARG A 67 -0.14 -11.03 15.22
C ARG A 67 1.16 -11.81 15.09
N LEU A 68 1.64 -11.95 13.86
CA LEU A 68 2.88 -12.68 13.57
C LEU A 68 4.08 -11.99 14.21
N ARG A 69 4.04 -10.67 14.24
CA ARG A 69 5.16 -9.89 14.75
C ARG A 69 5.14 -9.83 16.29
N GLY A 70 4.02 -10.22 16.88
CA GLY A 70 3.91 -10.25 18.33
C GLY A 70 3.93 -11.66 18.89
N GLY A 71 3.92 -12.64 17.98
CA GLY A 71 3.87 -14.05 18.37
C GLY A 71 5.23 -14.62 18.74
N PRO A 72 5.31 -15.95 18.86
CA PRO A 72 6.51 -16.63 19.35
C PRO A 72 7.70 -16.47 18.39
N GLN A 73 7.41 -16.29 17.11
CA GLN A 73 8.45 -16.20 16.08
C GLN A 73 8.69 -14.76 15.65
N SER A 74 8.35 -13.83 16.52
CA SER A 74 8.40 -12.41 16.17
C SER A 74 9.69 -11.98 15.49
N GLU A 75 10.82 -12.48 15.96
CA GLU A 75 12.13 -12.04 15.47
C GLU A 75 12.29 -12.36 13.99
N HIS A 76 11.60 -13.40 13.54
CA HIS A 76 11.67 -13.85 12.17
C HIS A 76 10.80 -13.00 11.25
N TYR A 77 10.05 -12.06 11.83
CA TYR A 77 9.22 -11.15 11.04
C TYR A 77 9.70 -9.72 11.18
N ARG A 78 10.95 -9.57 11.62
CA ARG A 78 11.53 -8.27 11.80
C ARG A 78 11.63 -7.54 10.46
N SER A 79 11.92 -8.29 9.41
CA SER A 79 12.02 -7.72 8.08
C SER A 79 11.32 -8.65 7.10
N LEU A 80 10.93 -8.13 5.94
CA LEU A 80 10.33 -9.00 4.91
C LEU A 80 11.34 -10.07 4.48
N GLN A 81 12.62 -9.70 4.47
CA GLN A 81 13.66 -10.64 4.07
C GLN A 81 13.74 -11.80 5.05
N ALA A 82 13.75 -11.49 6.35
CA ALA A 82 13.75 -12.54 7.38
C ALA A 82 12.48 -13.38 7.32
N MET A 83 11.34 -12.73 7.06
CA MET A 83 10.06 -13.44 6.95
C MET A 83 10.06 -14.45 5.83
N VAL A 84 10.51 -14.05 4.65
CA VAL A 84 10.57 -14.96 3.52
C VAL A 84 11.46 -16.16 3.83
N ALA A 85 12.66 -15.90 4.34
CA ALA A 85 13.60 -16.98 4.66
C ALA A 85 12.97 -17.99 5.63
N HIS A 86 12.31 -17.46 6.67
CA HIS A 86 11.73 -18.28 7.72
C HIS A 86 10.54 -19.12 7.25
N GLU A 87 9.62 -18.49 6.54
CA GLU A 87 8.41 -19.17 6.10
C GLU A 87 8.67 -20.19 4.99
N LEU A 88 9.62 -19.89 4.11
CA LEU A 88 9.90 -20.82 3.02
C LEU A 88 10.62 -22.06 3.56
N SER A 89 11.64 -21.83 4.38
CA SER A 89 12.47 -22.93 4.89
C SER A 89 11.68 -23.83 5.84
N ASN A 90 10.65 -23.27 6.47
CA ASN A 90 9.80 -24.04 7.37
C ASN A 90 8.50 -24.48 6.71
N ARG A 91 8.42 -24.32 5.40
CA ARG A 91 7.23 -24.71 4.64
C ARG A 91 5.97 -24.16 5.27
N LEU A 92 5.99 -22.87 5.58
CA LEU A 92 4.83 -22.19 6.17
C LEU A 92 4.05 -21.38 5.14
N VAL A 93 4.37 -21.56 3.86
CA VAL A 93 3.72 -20.82 2.78
C VAL A 93 3.07 -21.76 1.78
N ASP A 94 1.80 -21.51 1.47
CA ASP A 94 1.11 -22.28 0.44
C ASP A 94 1.48 -21.77 -0.95
N LEU A 95 2.24 -22.58 -1.70
CA LEU A 95 2.83 -22.12 -2.94
C LEU A 95 1.91 -22.32 -4.14
N GLU A 96 0.95 -23.23 -4.00
CA GLU A 96 0.10 -23.60 -5.12
C GLU A 96 -1.38 -23.30 -4.88
N ARG A 97 -1.89 -23.80 -3.76
CA ARG A 97 -3.29 -23.56 -3.39
C ARG A 97 -3.39 -23.30 -1.90
N ARG A 98 -4.30 -22.41 -1.51
CA ARG A 98 -4.48 -22.10 -0.10
C ARG A 98 -5.06 -23.27 0.67
N SER A 99 -4.34 -23.74 1.68
CA SER A 99 -4.82 -24.84 2.50
C SER A 99 -4.43 -24.74 3.97
N HIS A 100 -3.19 -25.12 4.28
CA HIS A 100 -2.74 -25.16 5.67
C HIS A 100 -2.22 -23.82 6.19
N HIS A 101 -1.76 -22.97 5.28
CA HIS A 101 -1.29 -21.65 5.69
C HIS A 101 -1.88 -20.58 4.79
N PRO A 102 -3.21 -20.39 4.90
CA PRO A 102 -3.96 -19.46 4.05
C PRO A 102 -3.58 -18.02 4.37
N GLU A 103 -2.97 -17.80 5.53
CA GLU A 103 -2.64 -16.45 5.96
C GLU A 103 -1.17 -16.29 6.35
N SER A 104 -0.29 -16.88 5.56
CA SER A 104 1.14 -16.70 5.78
C SER A 104 1.48 -15.22 5.66
N GLY A 105 2.54 -14.80 6.35
CA GLY A 105 3.04 -13.46 6.20
C GLY A 105 3.37 -13.19 4.75
N CYS A 106 3.94 -14.19 4.07
CA CYS A 106 4.32 -14.02 2.67
C CYS A 106 3.14 -13.63 1.78
N ARG A 107 2.08 -14.44 1.80
CA ARG A 107 0.93 -14.17 0.94
C ARG A 107 0.17 -12.92 1.40
N THR A 108 0.25 -12.61 2.69
CA THR A 108 -0.45 -11.46 3.25
C THR A 108 0.23 -10.14 2.87
N VAL A 109 1.54 -10.06 3.08
CA VAL A 109 2.29 -8.88 2.67
C VAL A 109 2.19 -8.66 1.16
N LEU A 110 2.09 -9.75 0.39
CA LEU A 110 1.95 -9.62 -1.06
C LEU A 110 0.78 -8.72 -1.44
N ARG A 111 -0.33 -8.89 -0.74
CA ARG A 111 -1.52 -8.09 -1.04
C ARG A 111 -1.35 -6.63 -0.63
N LEU A 112 -0.71 -6.41 0.51
CA LEU A 112 -0.42 -5.05 0.96
C LEU A 112 0.46 -4.31 -0.05
N HIS A 113 1.45 -5.03 -0.53
CA HIS A 113 2.38 -4.58 -1.56
C HIS A 113 1.68 -4.23 -2.88
N ARG A 114 0.80 -5.11 -3.36
CA ARG A 114 0.05 -4.78 -4.57
C ARG A 114 -0.80 -3.52 -4.38
N ALA A 115 -1.40 -3.36 -3.20
CA ALA A 115 -2.20 -2.17 -2.89
C ALA A 115 -1.34 -0.91 -2.85
N LEU A 116 -0.13 -1.04 -2.31
CA LEU A 116 0.80 0.07 -2.23
C LEU A 116 1.06 0.64 -3.62
N HIS A 117 1.13 -0.24 -4.61
CA HIS A 117 1.40 0.20 -5.97
C HIS A 117 0.30 1.12 -6.49
N TRP A 118 -0.94 0.80 -6.17
CA TRP A 118 -2.06 1.66 -6.54
C TRP A 118 -1.87 3.06 -5.93
N LEU A 119 -1.59 3.08 -4.64
CA LEU A 119 -1.45 4.36 -3.94
C LEU A 119 -0.38 5.22 -4.60
N GLN A 120 0.77 4.63 -4.87
CA GLN A 120 1.87 5.39 -5.45
C GLN A 120 1.56 5.82 -6.88
N LEU A 121 0.90 4.96 -7.66
CA LEU A 121 0.53 5.32 -9.03
C LEU A 121 -0.52 6.44 -9.06
N PHE A 122 -1.49 6.35 -8.15
CA PHE A 122 -2.50 7.39 -8.02
C PHE A 122 -1.86 8.75 -7.70
N LEU A 123 -0.99 8.78 -6.69
CA LEU A 123 -0.38 10.04 -6.27
C LEU A 123 0.58 10.61 -7.30
N GLU A 124 1.29 9.73 -8.01
CA GLU A 124 2.21 10.18 -9.04
C GLU A 124 1.46 10.75 -10.24
N GLY A 125 0.33 10.12 -10.59
CA GLY A 125 -0.51 10.64 -11.66
C GLY A 125 -1.07 12.00 -11.29
N LEU A 126 -1.51 12.10 -10.04
CA LEU A 126 -1.95 13.37 -9.47
C LEU A 126 -0.86 14.44 -9.53
N ARG A 127 0.34 14.07 -9.09
CA ARG A 127 1.46 15.01 -9.07
C ARG A 127 1.71 15.66 -10.44
N THR A 128 1.60 14.87 -11.51
CA THR A 128 1.93 15.35 -12.85
C THR A 128 0.71 15.72 -13.68
N SER A 129 -0.48 15.69 -13.09
CA SER A 129 -1.71 15.95 -13.82
C SER A 129 -1.85 17.42 -14.26
N PRO A 130 -2.52 17.67 -15.40
CA PRO A 130 -2.91 19.02 -15.82
C PRO A 130 -3.90 19.60 -14.83
N GLU A 131 -4.03 20.92 -14.79
CA GLU A 131 -4.96 21.56 -13.86
C GLU A 131 -6.40 21.10 -14.05
N ASP A 132 -6.75 20.68 -15.27
CA ASP A 132 -8.13 20.27 -15.57
C ASP A 132 -8.45 18.79 -15.33
N ALA A 133 -7.47 18.02 -14.84
CA ALA A 133 -7.68 16.59 -14.62
C ALA A 133 -8.70 16.33 -13.49
N ARG A 134 -9.52 15.30 -13.65
CA ARG A 134 -10.47 14.93 -12.61
C ARG A 134 -9.86 13.91 -11.66
N THR A 135 -10.02 14.13 -10.35
CA THR A 135 -9.45 13.23 -9.36
C THR A 135 -9.99 11.82 -9.54
N SER A 136 -11.28 11.73 -9.86
CA SER A 136 -11.92 10.43 -10.06
C SER A 136 -11.27 9.63 -11.18
N ALA A 137 -10.94 10.30 -12.28
CA ALA A 137 -10.28 9.66 -13.42
C ALA A 137 -8.86 9.23 -13.07
N LEU A 138 -8.13 10.08 -12.34
CA LEU A 138 -6.79 9.74 -11.89
C LEU A 138 -6.81 8.48 -11.02
N CYS A 139 -7.82 8.39 -10.16
CA CYS A 139 -7.99 7.23 -9.29
C CYS A 139 -8.32 5.95 -10.06
N ALA A 140 -9.33 6.01 -10.94
CA ALA A 140 -9.71 4.87 -11.77
C ALA A 140 -8.55 4.40 -12.67
N ASP A 141 -7.90 5.35 -13.34
CA ASP A 141 -6.80 5.03 -14.24
C ASP A 141 -5.66 4.32 -13.51
N SER A 142 -5.27 4.83 -12.34
CA SER A 142 -4.20 4.19 -11.59
C SER A 142 -4.64 2.80 -11.07
N TYR A 143 -5.92 2.67 -10.73
CA TYR A 143 -6.45 1.39 -10.28
C TYR A 143 -6.38 0.36 -11.41
N ASN A 144 -6.95 0.72 -12.55
CA ASN A 144 -7.03 -0.18 -13.70
C ASN A 144 -5.67 -0.49 -14.33
N ALA A 145 -4.65 0.31 -13.99
CA ALA A 145 -3.30 0.05 -14.50
C ALA A 145 -2.59 -0.98 -13.63
N SER A 146 -3.05 -1.10 -12.39
CA SER A 146 -2.27 -1.72 -11.32
C SER A 146 -2.99 -2.88 -10.61
N LEU A 147 -3.62 -2.55 -9.49
CA LEU A 147 -4.25 -3.51 -8.61
C LEU A 147 -5.38 -4.29 -9.28
N ALA A 148 -6.10 -3.64 -10.19
CA ALA A 148 -7.23 -4.29 -10.85
C ALA A 148 -6.85 -5.62 -11.50
N ALA A 149 -5.58 -5.76 -11.87
CA ALA A 149 -5.12 -6.94 -12.59
C ALA A 149 -5.36 -8.20 -11.77
N TYR A 150 -5.34 -8.05 -10.45
CA TYR A 150 -5.46 -9.19 -9.55
C TYR A 150 -6.88 -9.39 -9.07
N HIS A 151 -7.79 -8.51 -9.49
CA HIS A 151 -9.17 -8.57 -9.03
C HIS A 151 -10.11 -9.09 -10.11
N PRO A 152 -11.04 -9.98 -9.73
CA PRO A 152 -12.11 -10.40 -10.65
C PRO A 152 -12.91 -9.17 -11.08
N TRP A 153 -13.43 -9.19 -12.31
CA TRP A 153 -14.21 -8.09 -12.84
C TRP A 153 -15.26 -7.56 -11.84
N VAL A 154 -15.96 -8.46 -11.18
CA VAL A 154 -17.03 -8.05 -10.28
C VAL A 154 -16.48 -7.26 -9.08
N VAL A 155 -15.34 -7.66 -8.55
CA VAL A 155 -14.67 -6.91 -7.50
C VAL A 155 -14.22 -5.53 -8.01
N ARG A 156 -13.73 -5.44 -9.24
CA ARG A 156 -13.38 -4.14 -9.82
C ARG A 156 -14.58 -3.20 -9.82
N ARG A 157 -15.75 -3.73 -10.18
CA ARG A 157 -16.97 -2.92 -10.20
C ARG A 157 -17.32 -2.37 -8.82
N ALA A 158 -17.16 -3.19 -7.80
CA ALA A 158 -17.47 -2.78 -6.43
C ALA A 158 -16.51 -1.68 -5.96
N VAL A 159 -15.23 -1.85 -6.28
CA VAL A 159 -14.20 -0.87 -5.95
C VAL A 159 -14.43 0.46 -6.70
N THR A 160 -14.80 0.36 -7.96
CA THR A 160 -15.02 1.52 -8.81
C THR A 160 -16.09 2.49 -8.30
N VAL A 161 -17.07 1.95 -7.58
CA VAL A 161 -18.09 2.78 -6.95
C VAL A 161 -17.46 3.96 -6.18
N ALA A 162 -16.27 3.76 -5.64
CA ALA A 162 -15.61 4.78 -4.83
C ALA A 162 -15.13 6.01 -5.62
N PHE A 163 -14.81 5.82 -6.88
CA PHE A 163 -14.07 6.84 -7.62
C PHE A 163 -14.83 8.16 -7.79
N CYS A 164 -16.15 8.08 -7.98
CA CYS A 164 -16.96 9.27 -8.25
C CYS A 164 -17.19 10.12 -6.99
N THR A 165 -16.79 9.62 -5.83
CA THR A 165 -16.97 10.39 -4.58
C THR A 165 -15.81 11.34 -4.28
N LEU A 166 -14.78 11.33 -5.12
CA LEU A 166 -13.62 12.18 -4.88
C LEU A 166 -13.91 13.63 -5.30
N PRO A 167 -13.30 14.59 -4.59
CA PRO A 167 -13.54 16.00 -4.94
C PRO A 167 -12.70 16.41 -6.16
N THR A 168 -12.76 17.69 -6.52
CA THR A 168 -11.95 18.18 -7.63
C THR A 168 -10.47 18.06 -7.27
N ARG A 169 -9.64 18.12 -8.30
CA ARG A 169 -8.20 18.08 -8.15
C ARG A 169 -7.72 19.17 -7.19
N GLU A 170 -8.24 20.39 -7.37
CA GLU A 170 -7.83 21.51 -6.53
C GLU A 170 -8.10 21.23 -5.06
N VAL A 171 -9.32 20.81 -4.77
CA VAL A 171 -9.76 20.54 -3.39
C VAL A 171 -8.99 19.36 -2.80
N PHE A 172 -8.79 18.34 -3.62
CA PHE A 172 -8.04 17.16 -3.17
C PHE A 172 -6.61 17.51 -2.79
N LEU A 173 -5.95 18.31 -3.63
CA LEU A 173 -4.59 18.76 -3.33
C LEU A 173 -4.53 19.66 -2.11
N GLU A 174 -5.46 20.60 -2.00
CA GLU A 174 -5.45 21.52 -0.85
C GLU A 174 -5.72 20.76 0.44
N ALA A 175 -6.45 19.65 0.34
CA ALA A 175 -6.77 18.83 1.50
C ALA A 175 -5.55 18.11 2.10
N MET A 176 -4.40 18.18 1.42
CA MET A 176 -3.16 17.62 1.96
C MET A 176 -2.50 18.55 3.00
N ASN A 177 -3.09 19.73 3.18
CA ASN A 177 -2.72 20.67 4.25
C ASN A 177 -1.34 21.29 4.14
N VAL A 178 -0.78 21.34 2.95
CA VAL A 178 0.55 21.93 2.76
C VAL A 178 0.55 23.14 1.85
N GLY A 179 -0.61 23.77 1.66
CA GLY A 179 -0.67 24.95 0.83
C GLY A 179 -1.54 24.71 -0.39
N PRO A 180 -1.48 25.65 -1.35
CA PRO A 180 -2.25 25.55 -2.60
C PRO A 180 -1.73 24.40 -3.45
N PRO A 181 -2.49 24.01 -4.50
CA PRO A 181 -2.18 22.85 -5.35
C PRO A 181 -0.71 22.75 -5.79
N GLU A 182 -0.10 23.86 -6.20
CA GLU A 182 1.29 23.82 -6.67
C GLU A 182 2.24 23.42 -5.55
N GLN A 183 1.96 23.86 -4.32
CA GLN A 183 2.74 23.42 -3.17
C GLN A 183 2.51 21.94 -2.84
N ALA A 184 1.27 21.48 -2.94
CA ALA A 184 0.99 20.07 -2.66
C ALA A 184 1.72 19.21 -3.70
N VAL A 185 1.73 19.69 -4.94
CA VAL A 185 2.49 19.04 -6.01
C VAL A 185 3.97 18.91 -5.65
N GLN A 186 4.56 19.97 -5.08
CA GLN A 186 5.95 19.95 -4.63
C GLN A 186 6.18 18.90 -3.58
N MET A 187 5.25 18.82 -2.63
CA MET A 187 5.35 17.86 -1.55
C MET A 187 5.38 16.42 -2.05
N LEU A 188 4.49 16.09 -2.99
CA LEU A 188 4.43 14.75 -3.55
C LEU A 188 5.73 14.40 -4.27
N GLY A 189 6.34 15.39 -4.92
CA GLY A 189 7.59 15.17 -5.64
C GLY A 189 8.68 14.80 -4.66
N GLU A 190 8.64 15.42 -3.48
CA GLU A 190 9.63 15.17 -2.44
C GLU A 190 9.44 13.80 -1.78
N ALA A 191 8.19 13.46 -1.49
CA ALA A 191 7.89 12.34 -0.59
C ALA A 191 7.60 11.00 -1.25
N LEU A 192 7.02 11.02 -2.45
CA LEU A 192 6.73 9.78 -3.19
C LEU A 192 7.92 8.84 -3.35
N PRO A 193 9.12 9.37 -3.58
CA PRO A 193 10.25 8.45 -3.75
C PRO A 193 10.42 7.49 -2.59
N PHE A 194 9.98 7.86 -1.38
CA PHE A 194 10.13 6.95 -0.24
C PHE A 194 9.27 5.70 -0.40
N ILE A 195 8.05 5.88 -0.88
CA ILE A 195 7.15 4.77 -1.16
C ILE A 195 7.67 3.92 -2.32
N GLN A 196 8.09 4.57 -3.40
CA GLN A 196 8.61 3.89 -4.57
C GLN A 196 9.81 2.99 -4.25
N ARG A 197 10.70 3.45 -3.37
CA ARG A 197 11.86 2.62 -3.03
C ARG A 197 11.44 1.37 -2.26
N VAL A 198 10.49 1.53 -1.36
CA VAL A 198 10.03 0.40 -0.55
C VAL A 198 9.34 -0.59 -1.47
N TYR A 199 8.53 -0.07 -2.38
CA TYR A 199 7.80 -0.92 -3.32
C TYR A 199 8.80 -1.69 -4.22
N ASN A 200 9.78 -0.98 -4.77
CA ASN A 200 10.78 -1.64 -5.63
C ASN A 200 11.58 -2.72 -4.92
N VAL A 201 12.03 -2.44 -3.70
CA VAL A 201 12.78 -3.44 -2.94
C VAL A 201 11.89 -4.66 -2.65
N SER A 202 10.64 -4.41 -2.27
CA SER A 202 9.69 -5.50 -2.00
C SER A 202 9.39 -6.32 -3.25
N GLN A 203 9.16 -5.63 -4.36
CA GLN A 203 8.85 -6.31 -5.62
C GLN A 203 10.01 -7.25 -6.01
N LYS A 204 11.24 -6.76 -5.93
CA LYS A 204 12.40 -7.57 -6.29
C LYS A 204 12.60 -8.76 -5.36
N LEU A 205 12.33 -8.57 -4.07
CA LEU A 205 12.40 -9.68 -3.11
C LEU A 205 11.43 -10.80 -3.48
N TYR A 206 10.20 -10.42 -3.80
CA TYR A 206 9.19 -11.41 -4.16
C TYR A 206 9.50 -12.07 -5.50
N ALA A 207 9.95 -11.28 -6.45
CA ALA A 207 10.35 -11.80 -7.75
C ALA A 207 11.49 -12.81 -7.59
N GLU A 208 12.47 -12.44 -6.76
CA GLU A 208 13.66 -13.24 -6.54
C GLU A 208 13.32 -14.66 -6.07
N HIS A 209 12.27 -14.77 -5.25
CA HIS A 209 11.85 -16.05 -4.71
C HIS A 209 10.62 -16.63 -5.40
N SER A 210 10.25 -16.07 -6.55
CA SER A 210 9.10 -16.56 -7.30
C SER A 210 7.80 -16.57 -6.48
N LEU A 211 7.58 -15.49 -5.72
CA LEU A 211 6.42 -15.40 -4.84
C LEU A 211 5.33 -14.45 -5.33
N LEU A 212 5.50 -13.89 -6.52
CA LEU A 212 4.59 -12.86 -7.00
C LEU A 212 3.18 -13.36 -7.29
N ASP A 213 2.96 -14.68 -7.26
CA ASP A 213 1.63 -15.20 -7.53
C ASP A 213 1.14 -16.15 -6.44
N LEU A 214 1.58 -15.94 -5.21
CA LEU A 214 1.07 -16.72 -4.08
C LEU A 214 -0.45 -16.65 -4.01
N PRO A 215 -1.10 -17.80 -3.80
CA PRO A 215 -2.56 -17.85 -3.64
C PRO A 215 -3.03 -17.19 -2.35
CAA 1PW B . -7.28 7.01 -3.32
CAJ 1PW B . -6.68 6.22 -4.49
CAL 1PW B . -5.75 5.09 -4.11
CAN 1PW B . -6.34 4.13 -3.10
CAP 1PW B . -5.45 3.05 -2.52
CAR 1PW B . -6.23 1.90 -1.94
CAT 1PW B . -5.48 0.98 -1.00
CAU 1PW B . -6.34 0.00 -0.23
CAS 1PW B . -6.50 -1.38 -0.85
CAQ 1PW B . -7.71 -1.63 -1.72
CAO 1PW B . -8.28 -3.03 -1.50
CAM 1PW B . -9.20 -3.61 -2.56
CAK 1PW B . -10.17 -4.67 -2.04
CAH 1PW B . -9.57 -6.00 -1.59
CAI 1PW B . -9.63 -7.02 -2.42
CAZ 1PW B . -9.08 -8.38 -1.97
OAE 1PW B . -9.93 -9.42 -2.39
CBA 1PW B . -7.61 -8.55 -2.37
NAW 1PW B . -6.78 -7.62 -1.65
CAY 1PW B . -5.98 -6.63 -2.35
CAB 1PW B . -5.37 -5.52 -1.50
OAC 1PW B . -5.87 -6.64 -3.54
CAV 1PW B . -7.11 -9.99 -2.20
OAX 1PW B . -6.93 -10.43 -0.88
PBB 1PW B . -7.55 -11.92 -0.49
OAF 1PW B . -9.18 -11.87 -0.73
OAG 1PW B . -6.89 -13.01 -1.50
OAD 1PW B . -7.23 -12.17 0.91
#